data_7KZ1
#
_entry.id   7KZ1
#
_cell.length_a   40.669
_cell.length_b   54.292
_cell.length_c   98.767
_cell.angle_alpha   90.000
_cell.angle_beta   90.000
_cell.angle_gamma   90.000
#
_symmetry.space_group_name_H-M   'P 21 21 21'
#
loop_
_entity.id
_entity.type
_entity.pdbx_description
1 polymer 'Methyl-CpG-binding domain protein 4'
2 polymer "DNA (5'-D(*CP*CP*AP*GP*CP*GP*(ORP)P*GP*CP*AP*GP*C)-3')"
3 polymer "DNA (5'-D(*GP*CP*TP*GP*CP*GP*CP*GP*CP*TP*GP*G)-3')"
4 non-polymer GLYCEROL
5 non-polymer 1,2-ETHANEDIOL
6 non-polymer 'SODIUM ION'
7 water water
#
loop_
_entity_poly.entity_id
_entity_poly.type
_entity_poly.pdbx_seq_one_letter_code
_entity_poly.pdbx_strand_id
1 'polypeptide(L)'
;GSALSPPRRKAFKKWTPPRSPFNLVQETLFHDPWKLLIATIFLNRTSGKMAIPVLWKFLEKYPSAEVARTADWRDVSELL
KPLGLYDLRAKTIVKFSDEYLTKQWKYPIELHGIGKYGNDSYRIFCVNEWKQVHPEDHKLNKYHDWLWENHEKLSLS
;
A
2 'polydeoxyribonucleotide' (DC)(DC)(DA)(DG)(DC)(DG)(ORP)(DG)(DC)(DA)(DG)(DC) C
3 'polydeoxyribonucleotide' (DG)(DC)(DT)(DG)(DC)(DG)(DC)(DG)(DC)(DT)(DG)(DG) D
#
# COMPACT_ATOMS: atom_id res chain seq x y z
N LYS A 13 8.62 6.56 -20.96
CA LYS A 13 8.22 7.61 -20.05
C LYS A 13 7.15 7.12 -19.06
N LYS A 14 7.13 5.81 -18.84
CA LYS A 14 6.35 5.24 -17.75
C LYS A 14 6.76 5.91 -16.43
N TRP A 15 5.83 5.97 -15.48
CA TRP A 15 6.16 6.55 -14.19
C TRP A 15 6.91 5.51 -13.36
N THR A 16 8.18 5.76 -13.10
CA THR A 16 8.94 4.95 -12.17
C THR A 16 9.40 5.83 -11.02
N PRO A 17 8.79 5.74 -9.84
CA PRO A 17 9.22 6.56 -8.71
C PRO A 17 10.63 6.17 -8.29
N PRO A 18 11.46 7.15 -7.99
CA PRO A 18 12.87 6.85 -7.70
C PRO A 18 13.06 6.22 -6.33
N ARG A 19 14.10 5.41 -6.22
N ARG A 19 14.11 5.42 -6.23
CA ARG A 19 14.49 4.87 -4.93
CA ARG A 19 14.54 4.89 -4.94
C ARG A 19 15.07 5.99 -4.06
C ARG A 19 15.03 6.04 -4.07
N SER A 20 14.70 5.98 -2.79
CA SER A 20 15.06 7.02 -1.84
C SER A 20 15.99 6.48 -0.75
N PRO A 21 16.72 7.37 -0.08
CA PRO A 21 17.47 6.94 1.12
C PRO A 21 16.59 6.38 2.21
N PHE A 22 15.26 6.58 2.13
CA PHE A 22 14.33 6.14 3.15
C PHE A 22 13.82 4.72 2.91
N ASN A 23 13.93 4.23 1.68
CA ASN A 23 13.59 2.84 1.34
C ASN A 23 12.19 2.45 1.84
N LEU A 24 11.21 3.29 1.56
CA LEU A 24 9.82 2.94 1.83
CA LEU A 24 9.83 2.92 1.85
C LEU A 24 9.44 1.69 1.05
N VAL A 25 8.61 0.83 1.66
CA VAL A 25 8.23 -0.40 0.98
C VAL A 25 7.46 -0.11 -0.30
N GLN A 26 6.79 1.06 -0.39
CA GLN A 26 6.11 1.43 -1.62
C GLN A 26 7.06 1.48 -2.80
N GLU A 27 8.33 1.78 -2.55
CA GLU A 27 9.31 1.91 -3.63
C GLU A 27 9.53 0.59 -4.35
N THR A 28 9.35 -0.54 -3.69
CA THR A 28 9.48 -1.84 -4.34
C THR A 28 8.15 -2.43 -4.80
N LEU A 29 7.01 -1.84 -4.43
CA LEU A 29 5.73 -2.46 -4.72
C LEU A 29 4.92 -1.73 -5.77
N PHE A 30 5.42 -0.61 -6.30
CA PHE A 30 4.59 0.25 -7.13
C PHE A 30 4.17 -0.39 -8.44
N HIS A 31 4.86 -1.44 -8.91
CA HIS A 31 4.46 -2.10 -10.15
CA HIS A 31 4.47 -2.11 -10.15
C HIS A 31 3.10 -2.74 -10.05
N ASP A 32 2.65 -3.04 -8.83
CA ASP A 32 1.40 -3.77 -8.58
C ASP A 32 0.61 -2.95 -7.59
N PRO A 33 -0.29 -2.09 -8.07
CA PRO A 33 -1.02 -1.20 -7.15
C PRO A 33 -1.74 -1.94 -6.06
N TRP A 34 -2.25 -3.15 -6.33
CA TRP A 34 -2.90 -3.92 -5.27
C TRP A 34 -1.93 -4.25 -4.15
N LYS A 35 -0.73 -4.73 -4.51
CA LYS A 35 0.25 -5.07 -3.47
C LYS A 35 0.67 -3.83 -2.70
N LEU A 36 0.87 -2.71 -3.39
CA LEU A 36 1.21 -1.47 -2.69
C LEU A 36 0.11 -1.09 -1.71
N LEU A 37 -1.15 -1.20 -2.14
CA LEU A 37 -2.24 -0.80 -1.26
C LEU A 37 -2.40 -1.76 -0.10
N ILE A 38 -2.25 -3.08 -0.34
CA ILE A 38 -2.24 -4.04 0.77
C ILE A 38 -1.14 -3.67 1.77
N ALA A 39 0.03 -3.27 1.29
CA ALA A 39 1.09 -2.85 2.21
C ALA A 39 0.63 -1.69 3.08
N THR A 40 -0.06 -0.68 2.49
CA THR A 40 -0.52 0.42 3.33
C THR A 40 -1.46 -0.08 4.40
N ILE A 41 -2.34 -1.03 4.06
CA ILE A 41 -3.27 -1.58 5.05
C ILE A 41 -2.50 -2.25 6.17
N PHE A 42 -1.47 -3.02 5.82
CA PHE A 42 -0.64 -3.68 6.84
C PHE A 42 0.03 -2.69 7.77
N LEU A 43 0.29 -1.46 7.31
CA LEU A 43 0.97 -0.45 8.11
C LEU A 43 0.03 0.42 8.95
N ASN A 44 -1.28 0.21 8.85
CA ASN A 44 -2.23 0.92 9.71
C ASN A 44 -1.94 0.65 11.18
N ARG A 45 -1.49 1.66 11.93
CA ARG A 45 -1.25 1.54 13.37
C ARG A 45 -0.40 0.31 13.70
N THR A 46 0.57 0.03 12.83
CA THR A 46 1.45 -1.11 12.98
C THR A 46 2.84 -0.70 12.53
N SER A 47 3.85 -0.98 13.35
CA SER A 47 5.20 -0.67 12.93
C SER A 47 5.59 -1.49 11.69
N GLY A 48 6.34 -0.86 10.79
CA GLY A 48 6.83 -1.59 9.63
C GLY A 48 7.72 -2.76 10.00
N LYS A 49 8.42 -2.68 11.14
CA LYS A 49 9.27 -3.77 11.60
C LYS A 49 8.47 -5.06 11.77
N MET A 50 7.23 -4.94 12.24
N MET A 50 7.23 -4.95 12.23
CA MET A 50 6.35 -6.09 12.38
CA MET A 50 6.39 -6.13 12.35
C MET A 50 5.62 -6.38 11.07
C MET A 50 5.55 -6.39 11.11
N ALA A 51 5.06 -5.32 10.46
CA ALA A 51 4.12 -5.50 9.35
C ALA A 51 4.77 -6.10 8.12
N ILE A 52 5.96 -5.63 7.75
CA ILE A 52 6.48 -5.95 6.43
C ILE A 52 6.89 -7.43 6.37
N PRO A 53 7.57 -7.97 7.38
CA PRO A 53 7.81 -9.43 7.37
C PRO A 53 6.55 -10.27 7.22
N VAL A 54 5.47 -9.88 7.90
CA VAL A 54 4.22 -10.61 7.75
C VAL A 54 3.63 -10.38 6.38
N LEU A 55 3.84 -9.18 5.79
CA LEU A 55 3.33 -8.91 4.45
C LEU A 55 3.83 -9.93 3.44
N TRP A 56 5.11 -10.30 3.52
CA TRP A 56 5.65 -11.28 2.56
C TRP A 56 5.00 -12.64 2.73
N LYS A 57 4.74 -13.04 3.99
CA LYS A 57 4.01 -14.28 4.23
C LYS A 57 2.61 -14.25 3.65
N PHE A 58 1.92 -13.10 3.78
CA PHE A 58 0.57 -12.97 3.23
C PHE A 58 0.60 -13.06 1.71
N LEU A 59 1.53 -12.36 1.07
CA LEU A 59 1.58 -12.34 -0.38
C LEU A 59 2.04 -13.68 -0.97
N GLU A 60 2.73 -14.50 -0.20
CA GLU A 60 3.04 -15.85 -0.68
C GLU A 60 1.79 -16.70 -0.75
N LYS A 61 0.86 -16.52 0.19
CA LYS A 61 -0.36 -17.30 0.20
C LYS A 61 -1.46 -16.69 -0.63
N TYR A 62 -1.49 -15.36 -0.74
CA TYR A 62 -2.51 -14.62 -1.48
C TYR A 62 -1.80 -13.66 -2.42
N PRO A 63 -1.34 -14.15 -3.58
CA PRO A 63 -0.47 -13.34 -4.44
C PRO A 63 -1.19 -12.31 -5.30
N SER A 64 -2.51 -12.23 -5.24
CA SER A 64 -3.23 -11.36 -6.15
C SER A 64 -4.60 -11.03 -5.57
N ALA A 65 -5.16 -9.89 -6.01
CA ALA A 65 -6.53 -9.54 -5.62
C ALA A 65 -7.51 -10.61 -6.08
N GLU A 66 -7.20 -11.22 -7.24
CA GLU A 66 -8.05 -12.25 -7.82
C GLU A 66 -8.29 -13.40 -6.85
N VAL A 67 -7.26 -13.84 -6.12
CA VAL A 67 -7.44 -14.92 -5.16
C VAL A 67 -7.83 -14.37 -3.78
N ALA A 68 -7.28 -13.23 -3.38
CA ALA A 68 -7.59 -12.65 -2.07
C ALA A 68 -9.09 -12.38 -1.91
N ARG A 69 -9.74 -11.92 -2.97
CA ARG A 69 -11.18 -11.69 -2.83
C ARG A 69 -11.98 -12.96 -2.61
N THR A 70 -11.42 -14.15 -2.86
CA THR A 70 -12.12 -15.40 -2.60
C THR A 70 -11.72 -16.03 -1.28
N ALA A 71 -10.86 -15.37 -0.50
CA ALA A 71 -10.33 -15.97 0.71
C ALA A 71 -11.38 -15.98 1.82
N ASP A 72 -11.22 -16.95 2.73
CA ASP A 72 -11.98 -16.96 3.97
C ASP A 72 -11.29 -16.00 4.93
N TRP A 73 -12.01 -14.94 5.34
CA TRP A 73 -11.38 -13.91 6.16
C TRP A 73 -10.83 -14.47 7.47
N ARG A 74 -11.43 -15.56 7.96
CA ARG A 74 -10.94 -16.15 9.20
C ARG A 74 -9.56 -16.75 9.00
N ASP A 75 -9.25 -17.20 7.79
CA ASP A 75 -7.90 -17.68 7.51
C ASP A 75 -6.91 -16.52 7.42
N VAL A 76 -7.34 -15.43 6.78
CA VAL A 76 -6.49 -14.24 6.72
C VAL A 76 -6.21 -13.72 8.13
N SER A 77 -7.23 -13.72 8.99
CA SER A 77 -7.05 -13.23 10.35
C SER A 77 -6.00 -14.06 11.10
N GLU A 78 -6.04 -15.39 10.96
CA GLU A 78 -5.01 -16.23 11.58
C GLU A 78 -3.61 -15.78 11.21
N LEU A 79 -3.40 -15.52 9.91
CA LEU A 79 -2.09 -15.08 9.44
C LEU A 79 -1.70 -13.74 10.05
N LEU A 80 -2.67 -12.83 10.19
CA LEU A 80 -2.42 -11.47 10.64
C LEU A 80 -2.29 -11.34 12.15
N LYS A 81 -2.54 -12.42 12.90
CA LYS A 81 -2.60 -12.36 14.36
C LYS A 81 -1.48 -11.57 15.01
N PRO A 82 -0.20 -11.78 14.68
CA PRO A 82 0.87 -11.06 15.39
C PRO A 82 0.88 -9.57 15.12
N LEU A 83 0.13 -9.08 14.13
CA LEU A 83 0.12 -7.65 13.81
C LEU A 83 -0.92 -6.88 14.59
N GLY A 84 -1.85 -7.55 15.24
CA GLY A 84 -2.98 -6.84 15.80
C GLY A 84 -3.97 -6.41 14.73
N LEU A 85 -5.15 -5.95 15.15
CA LEU A 85 -6.21 -5.56 14.22
C LEU A 85 -6.43 -6.63 13.15
N TYR A 86 -6.38 -7.90 13.58
CA TYR A 86 -6.35 -9.03 12.65
C TYR A 86 -7.73 -9.35 12.08
N ASP A 87 -8.79 -9.29 12.90
CA ASP A 87 -10.12 -9.54 12.35
C ASP A 87 -10.56 -8.37 11.49
N LEU A 88 -10.36 -7.15 12.00
CA LEU A 88 -10.66 -5.95 11.23
CA LEU A 88 -10.66 -5.95 11.23
C LEU A 88 -9.98 -5.97 9.87
N ARG A 89 -8.66 -6.16 9.86
CA ARG A 89 -7.97 -6.05 8.58
C ARG A 89 -8.17 -7.26 7.70
N ALA A 90 -8.42 -8.44 8.27
CA ALA A 90 -8.76 -9.58 7.43
C ALA A 90 -10.02 -9.29 6.64
N LYS A 91 -11.06 -8.80 7.31
CA LYS A 91 -12.30 -8.49 6.61
C LYS A 91 -12.08 -7.38 5.60
N THR A 92 -11.28 -6.37 5.98
CA THR A 92 -10.96 -5.26 5.08
C THR A 92 -10.26 -5.76 3.82
N ILE A 93 -9.29 -6.66 3.97
CA ILE A 93 -8.49 -7.11 2.83
C ILE A 93 -9.34 -7.85 1.82
N VAL A 94 -10.25 -8.70 2.28
CA VAL A 94 -11.12 -9.44 1.37
C VAL A 94 -12.04 -8.47 0.62
N LYS A 95 -12.69 -7.56 1.36
CA LYS A 95 -13.61 -6.61 0.73
C LYS A 95 -12.85 -5.66 -0.20
N PHE A 96 -11.72 -5.14 0.27
CA PHE A 96 -10.91 -4.26 -0.57
C PHE A 96 -10.53 -4.97 -1.88
N SER A 97 -10.03 -6.20 -1.77
CA SER A 97 -9.62 -6.90 -2.98
C SER A 97 -10.78 -7.12 -3.93
N ASP A 98 -11.98 -7.38 -3.39
CA ASP A 98 -13.16 -7.53 -4.23
C ASP A 98 -13.47 -6.23 -4.96
N GLU A 99 -13.47 -5.11 -4.24
CA GLU A 99 -13.80 -3.84 -4.87
C GLU A 99 -12.70 -3.42 -5.85
N TYR A 100 -11.44 -3.65 -5.47
CA TYR A 100 -10.31 -3.35 -6.35
C TYR A 100 -10.53 -3.91 -7.74
N LEU A 101 -11.10 -5.11 -7.83
CA LEU A 101 -11.22 -5.81 -9.10
C LEU A 101 -12.53 -5.55 -9.80
N THR A 102 -13.61 -5.28 -9.06
CA THR A 102 -14.94 -5.29 -9.66
C THR A 102 -15.60 -3.93 -9.74
N LYS A 103 -15.12 -2.94 -8.99
CA LYS A 103 -15.65 -1.59 -8.99
C LYS A 103 -14.84 -0.76 -9.97
N GLN A 104 -15.50 0.14 -10.69
CA GLN A 104 -14.71 1.07 -11.47
C GLN A 104 -14.26 2.17 -10.55
N TRP A 105 -12.96 2.42 -10.53
CA TRP A 105 -12.41 3.45 -9.66
C TRP A 105 -11.29 4.16 -10.40
N LYS A 106 -11.11 5.43 -10.07
CA LYS A 106 -9.98 6.19 -10.57
C LYS A 106 -8.88 6.33 -9.54
N TYR A 107 -9.24 6.58 -8.27
CA TYR A 107 -8.32 6.62 -7.15
C TYR A 107 -8.76 5.64 -6.08
N PRO A 108 -7.82 4.96 -5.41
CA PRO A 108 -8.23 3.86 -4.52
C PRO A 108 -8.87 4.32 -3.22
N ILE A 109 -8.85 5.62 -2.91
CA ILE A 109 -9.65 6.12 -1.79
C ILE A 109 -11.12 5.76 -1.98
N GLU A 110 -11.55 5.57 -3.23
CA GLU A 110 -12.90 5.10 -3.54
C GLU A 110 -13.18 3.71 -3.01
N LEU A 111 -12.16 2.96 -2.62
CA LEU A 111 -12.32 1.56 -2.26
C LEU A 111 -12.33 1.37 -0.75
N HIS A 112 -13.06 0.36 -0.30
CA HIS A 112 -13.15 0.07 1.13
C HIS A 112 -11.77 -0.26 1.69
N GLY A 113 -11.38 0.44 2.76
CA GLY A 113 -10.15 0.15 3.46
C GLY A 113 -8.98 1.04 3.09
N ILE A 114 -9.12 1.85 2.04
CA ILE A 114 -8.09 2.81 1.63
C ILE A 114 -8.59 4.21 1.93
N GLY A 115 -7.84 4.94 2.76
CA GLY A 115 -8.11 6.35 3.02
C GLY A 115 -7.04 7.28 2.47
N LYS A 116 -6.90 8.45 3.08
CA LYS A 116 -5.94 9.42 2.56
C LYS A 116 -4.52 8.86 2.45
N TYR A 117 -4.08 8.07 3.45
CA TYR A 117 -2.69 7.61 3.44
C TYR A 117 -2.46 6.62 2.29
N GLY A 118 -3.33 5.64 2.14
CA GLY A 118 -3.18 4.74 1.00
C GLY A 118 -3.34 5.45 -0.34
N ASN A 119 -4.27 6.41 -0.40
CA ASN A 119 -4.47 7.15 -1.65
C ASN A 119 -3.26 8.02 -1.97
N ASP A 120 -2.71 8.69 -0.97
CA ASP A 120 -1.52 9.50 -1.19
C ASP A 120 -0.37 8.62 -1.67
N SER A 121 -0.25 7.42 -1.09
CA SER A 121 0.80 6.50 -1.52
C SER A 121 0.62 6.14 -2.99
N TYR A 122 -0.62 5.83 -3.39
CA TYR A 122 -0.89 5.50 -4.77
C TYR A 122 -0.57 6.65 -5.70
N ARG A 123 -0.95 7.87 -5.32
CA ARG A 123 -0.75 9.00 -6.22
C ARG A 123 0.71 9.46 -6.29
N ILE A 124 1.56 9.02 -5.36
CA ILE A 124 2.99 9.31 -5.47
C ILE A 124 3.71 8.22 -6.23
N PHE A 125 3.33 6.96 -6.01
CA PHE A 125 4.13 5.83 -6.47
C PHE A 125 3.56 5.11 -7.69
N CYS A 126 2.24 5.03 -7.83
CA CYS A 126 1.67 4.25 -8.90
C CYS A 126 1.31 5.09 -10.12
N VAL A 127 1.08 6.39 -9.94
CA VAL A 127 0.85 7.33 -11.02
C VAL A 127 1.70 8.56 -10.74
N ASN A 128 1.86 9.40 -11.75
CA ASN A 128 2.78 10.54 -11.68
C ASN A 128 2.04 11.79 -11.20
N GLU A 129 1.52 11.72 -9.97
CA GLU A 129 0.74 12.81 -9.42
C GLU A 129 1.34 13.36 -8.14
N TRP A 130 2.62 13.06 -7.87
CA TRP A 130 3.22 13.43 -6.59
C TRP A 130 3.17 14.93 -6.33
N LYS A 131 3.22 15.76 -7.38
CA LYS A 131 3.20 17.20 -7.16
C LYS A 131 1.87 17.70 -6.62
N GLN A 132 0.80 16.92 -6.78
CA GLN A 132 -0.51 17.30 -6.30
C GLN A 132 -0.82 16.74 -4.91
N VAL A 133 0.04 15.91 -4.37
CA VAL A 133 -0.24 15.22 -3.12
C VAL A 133 0.32 16.04 -1.97
N HIS A 134 -0.43 16.08 -0.86
CA HIS A 134 -0.01 16.75 0.37
C HIS A 134 -0.12 15.74 1.50
N PRO A 135 0.90 14.90 1.67
CA PRO A 135 0.79 13.83 2.66
C PRO A 135 0.82 14.38 4.08
N GLU A 136 0.20 13.61 4.98
CA GLU A 136 0.30 13.85 6.41
C GLU A 136 1.08 12.76 7.13
N ASP A 137 1.29 11.62 6.48
CA ASP A 137 2.09 10.55 7.05
C ASP A 137 3.56 10.94 7.05
N HIS A 138 4.25 10.71 8.19
CA HIS A 138 5.62 11.18 8.35
C HIS A 138 6.57 10.52 7.34
N LYS A 139 6.44 9.20 7.13
CA LYS A 139 7.29 8.53 6.14
C LYS A 139 7.03 9.06 4.73
N LEU A 140 5.76 9.21 4.36
CA LEU A 140 5.42 9.76 3.05
C LEU A 140 5.95 11.18 2.89
N ASN A 141 5.91 11.96 3.97
CA ASN A 141 6.40 13.33 3.91
C ASN A 141 7.89 13.36 3.65
N LYS A 142 8.64 12.43 4.25
CA LYS A 142 10.09 12.41 4.05
C LYS A 142 10.42 12.10 2.60
N TYR A 143 9.72 11.13 2.02
CA TYR A 143 9.90 10.81 0.61
C TYR A 143 9.45 11.97 -0.27
N HIS A 144 8.29 12.54 0.04
CA HIS A 144 7.70 13.58 -0.80
C HIS A 144 8.52 14.87 -0.76
N ASP A 145 8.94 15.30 0.43
CA ASP A 145 9.81 16.48 0.52
C ASP A 145 11.09 16.25 -0.25
N TRP A 146 11.61 15.02 -0.21
CA TRP A 146 12.87 14.71 -0.87
C TRP A 146 12.71 14.77 -2.39
N LEU A 147 11.56 14.30 -2.90
CA LEU A 147 11.24 14.44 -4.32
C LEU A 147 11.19 15.90 -4.74
N TRP A 148 10.48 16.73 -3.97
CA TRP A 148 10.39 18.15 -4.30
C TRP A 148 11.76 18.80 -4.33
N GLU A 149 12.62 18.40 -3.40
CA GLU A 149 13.96 18.96 -3.34
C GLU A 149 14.87 18.43 -4.44
N ASN A 150 14.58 17.26 -5.00
CA ASN A 150 15.48 16.62 -5.94
C ASN A 150 14.92 16.39 -7.33
N HIS A 151 13.68 16.79 -7.60
CA HIS A 151 13.03 16.37 -8.84
C HIS A 151 13.73 16.97 -10.06
N GLU A 152 14.17 18.22 -9.97
CA GLU A 152 14.87 18.82 -11.10
C GLU A 152 16.19 18.11 -11.37
N LYS A 153 16.84 17.59 -10.33
CA LYS A 153 18.07 16.83 -10.53
C LYS A 153 17.78 15.49 -11.20
N LEU A 154 16.75 14.79 -10.74
CA LEU A 154 16.40 13.49 -11.28
C LEU A 154 15.58 13.58 -12.57
N SER A 155 15.20 14.78 -12.99
CA SER A 155 14.40 15.00 -14.19
C SER A 155 13.11 14.18 -14.16
#